data_6BLH
#
_entry.id   6BLH
#
_cell.length_a   85.069
_cell.length_b   189.646
_cell.length_c   74.140
_cell.angle_alpha   90.00
_cell.angle_beta   90.00
_cell.angle_gamma   90.00
#
_symmetry.space_group_name_H-M   'C 2 2 21'
#
loop_
_entity.id
_entity.type
_entity.pdbx_description
1 polymer 'Fab CB017.5 light chain'
2 polymer 'Fab CB017.5 heavy chain'
3 polymer 'Major surface glycoprotein G'
4 non-polymer 1,2-ETHANEDIOL
5 water water
#
loop_
_entity_poly.entity_id
_entity_poly.type
_entity_poly.pdbx_seq_one_letter_code
_entity_poly.pdbx_strand_id
1 'polypeptide(L)'
;SYELTQPPSVSVSPGQTARVTCSGDAMAEQYTYWYQQKPGQAPVLIIFKDTERPSGIPERFSGSSSGTTVTLTISGVQTE
DEADYYCQSTDSSGTSWVFGGGTKLTVLGQPKAAPSVTLFPPSSEELQANKATLVCLISDFYPGAVTVAWKADSSPVKAG
VETTTPSKQSNNKYAASSYLSLTPEQWKSHKSYSCQVTHEGSTVEKTVAPTECS
;
L
2 'polypeptide(L)'
;(PCA)VQLVESGGGVVQPGRSLRLSCSASGFTFSVYAMHWVRQAPGQGLEWVAIIWYDGSNKYYADSVKGRFTISRDNSK
ETLYLQMNSLRVEDTAVYYCARDPIVGHTRDGLDVWGQGTTVTVSSASTKGPSVFPLAPSSKSTSGGTAALGCLVKDYFP
EPVTVSWNSGALTSGVHTFPAVLQSSGLYSLSSVVTVPSSSLGTQTYICNVNHKPSNTKVDKKVEPKSCDKGLEVLFQ
;
H
3 'polypeptide(L)' NKPPNKPNNDFHFEVFNFVPCSICSNNPTCWAICKRIPNKKPGKK G
#
# COMPACT_ATOMS: atom_id res chain seq x y z
N SER A 1 -18.68 2.23 -13.51
CA SER A 1 -19.88 3.08 -13.49
C SER A 1 -20.36 3.29 -12.06
N TYR A 2 -20.77 2.20 -11.41
CA TYR A 2 -21.27 2.30 -10.04
C TYR A 2 -20.12 2.54 -9.08
N GLU A 3 -20.25 3.58 -8.25
CA GLU A 3 -19.20 4.00 -7.34
C GLU A 3 -19.75 4.25 -5.95
N LEU A 4 -18.94 3.95 -4.94
CA LEU A 4 -19.25 4.28 -3.56
C LEU A 4 -18.43 5.49 -3.13
N THR A 5 -19.06 6.40 -2.40
CA THR A 5 -18.43 7.65 -1.99
C THR A 5 -18.03 7.55 -0.53
N GLN A 6 -16.73 7.72 -0.27
CA GLN A 6 -16.14 7.54 1.04
C GLN A 6 -15.15 8.68 1.26
N PRO A 7 -15.16 9.32 2.43
CA PRO A 7 -14.24 10.43 2.68
C PRO A 7 -12.79 9.96 2.68
N PRO A 8 -11.88 10.74 2.10
CA PRO A 8 -10.48 10.27 2.02
C PRO A 8 -9.78 10.18 3.37
N SER A 9 -10.16 11.01 4.35
CA SER A 9 -9.42 11.04 5.60
C SER A 9 -10.31 11.50 6.75
N VAL A 10 -10.08 10.90 7.92
CA VAL A 10 -10.73 11.29 9.17
C VAL A 10 -9.68 11.27 10.26
N SER A 11 -9.64 12.31 11.09
CA SER A 11 -8.69 12.41 12.20
C SER A 11 -9.45 12.40 13.52
N VAL A 12 -8.89 11.71 14.51
CA VAL A 12 -9.55 11.53 15.79
C VAL A 12 -8.48 11.36 16.87
N SER A 13 -8.88 11.62 18.12
CA SER A 13 -8.03 11.42 19.29
C SER A 13 -8.50 10.20 20.08
N PRO A 14 -7.60 9.56 20.82
CA PRO A 14 -8.00 8.37 21.59
C PRO A 14 -9.12 8.71 22.57
N GLY A 15 -10.06 7.77 22.71
CA GLY A 15 -11.22 7.96 23.55
C GLY A 15 -12.41 8.58 22.87
N GLN A 16 -12.19 9.32 21.78
CA GLN A 16 -13.29 9.93 21.04
C GLN A 16 -14.00 8.87 20.20
N THR A 17 -15.04 9.30 19.48
CA THR A 17 -15.83 8.44 18.62
C THR A 17 -15.56 8.81 17.17
N ALA A 18 -15.05 7.86 16.40
CA ALA A 18 -14.76 8.05 14.99
C ALA A 18 -15.92 7.51 14.15
N ARG A 19 -16.30 8.26 13.12
CA ARG A 19 -17.36 7.87 12.21
C ARG A 19 -16.87 7.99 10.77
N VAL A 20 -17.14 6.96 9.97
CA VAL A 20 -16.79 6.92 8.56
C VAL A 20 -18.04 6.57 7.78
N THR A 21 -18.50 7.49 6.93
CA THR A 21 -19.68 7.28 6.13
C THR A 21 -19.31 6.75 4.74
N CYS A 22 -20.28 6.10 4.11
CA CYS A 22 -20.09 5.58 2.76
C CYS A 22 -21.46 5.46 2.11
N SER A 23 -21.60 6.03 0.92
CA SER A 23 -22.90 6.10 0.26
C SER A 23 -22.82 5.48 -1.13
N GLY A 24 -23.96 4.95 -1.58
CA GLY A 24 -24.09 4.35 -2.90
C GLY A 24 -25.54 4.24 -3.31
N ASP A 25 -25.81 4.43 -4.61
CA ASP A 25 -27.19 4.50 -5.08
C ASP A 25 -27.97 3.21 -4.86
N ALA A 26 -27.30 2.07 -4.71
CA ALA A 26 -27.97 0.78 -4.60
C ALA A 26 -27.87 0.19 -3.19
N MET A 27 -27.35 0.94 -2.22
CA MET A 27 -27.10 0.38 -0.89
C MET A 27 -28.37 -0.02 -0.15
N ALA A 28 -29.52 0.53 -0.52
CA ALA A 28 -30.76 0.11 0.12
C ALA A 28 -31.17 -1.30 -0.28
N GLU A 29 -30.70 -1.78 -1.43
CA GLU A 29 -31.01 -3.13 -1.90
C GLU A 29 -29.83 -4.08 -1.80
N GLN A 30 -28.62 -3.57 -1.66
CA GLN A 30 -27.41 -4.39 -1.60
C GLN A 30 -26.70 -4.18 -0.28
N TYR A 31 -26.28 -5.28 0.33
CA TYR A 31 -25.55 -5.20 1.60
C TYR A 31 -24.20 -4.52 1.41
N THR A 32 -23.70 -3.93 2.49
CA THR A 32 -22.41 -3.25 2.49
C THR A 32 -21.54 -3.85 3.59
N TYR A 33 -20.23 -3.83 3.35
CA TYR A 33 -19.25 -4.47 4.20
C TYR A 33 -18.10 -3.51 4.47
N TRP A 34 -17.43 -3.67 5.61
CA TRP A 34 -16.34 -2.80 6.03
C TRP A 34 -15.09 -3.61 6.30
N TYR A 35 -13.96 -3.14 5.79
CA TYR A 35 -12.68 -3.81 5.97
C TYR A 35 -11.65 -2.84 6.54
N GLN A 36 -10.77 -3.36 7.39
CA GLN A 36 -9.68 -2.60 7.97
C GLN A 36 -8.36 -3.10 7.39
N GLN A 37 -7.49 -2.18 6.99
CA GLN A 37 -6.19 -2.54 6.43
C GLN A 37 -5.11 -1.65 7.04
N LYS A 38 -4.16 -2.26 7.71
CA LYS A 38 -3.01 -1.56 8.26
C LYS A 38 -1.86 -1.59 7.26
N PRO A 39 -0.92 -0.64 7.36
CA PRO A 39 0.16 -0.58 6.36
C PRO A 39 0.96 -1.87 6.32
N GLY A 40 1.08 -2.44 5.12
CA GLY A 40 1.82 -3.67 4.92
C GLY A 40 1.07 -4.94 5.25
N GLN A 41 -0.23 -4.86 5.52
CA GLN A 41 -1.02 -6.01 5.90
C GLN A 41 -2.23 -6.15 4.98
N ALA A 42 -2.83 -7.34 5.01
CA ALA A 42 -4.02 -7.63 4.24
C ALA A 42 -5.26 -7.05 4.93
N PRO A 43 -6.32 -6.79 4.17
CA PRO A 43 -7.55 -6.29 4.79
C PRO A 43 -8.16 -7.34 5.73
N VAL A 44 -8.91 -6.85 6.72
CA VAL A 44 -9.59 -7.68 7.70
C VAL A 44 -11.05 -7.24 7.78
N LEU A 45 -11.96 -8.21 7.78
CA LEU A 45 -13.39 -7.91 7.86
C LEU A 45 -13.75 -7.37 9.24
N ILE A 46 -14.44 -6.24 9.27
CA ILE A 46 -14.85 -5.59 10.51
C ILE A 46 -16.37 -5.62 10.68
N ILE A 47 -17.11 -5.28 9.63
CA ILE A 47 -18.58 -5.25 9.67
C ILE A 47 -19.08 -5.90 8.39
N PHE A 48 -20.07 -6.80 8.52
CA PHE A 48 -20.69 -7.42 7.35
C PHE A 48 -22.20 -7.23 7.40
N LYS A 49 -22.81 -7.21 6.21
CA LYS A 49 -24.23 -7.00 6.03
C LYS A 49 -24.74 -5.81 6.83
N ASP A 50 -24.11 -4.66 6.56
CA ASP A 50 -24.48 -3.35 7.12
C ASP A 50 -24.18 -3.22 8.60
N THR A 51 -24.68 -4.14 9.43
CA THR A 51 -24.71 -3.93 10.87
C THR A 51 -24.06 -5.02 11.71
N GLU A 52 -23.66 -6.15 11.11
CA GLU A 52 -23.22 -7.29 11.89
C GLU A 52 -21.72 -7.27 12.13
N ARG A 53 -21.32 -7.58 13.37
CA ARG A 53 -19.92 -7.61 13.75
C ARG A 53 -19.49 -9.05 14.02
N PRO A 54 -18.47 -9.55 13.35
CA PRO A 54 -18.05 -10.94 13.59
C PRO A 54 -17.45 -11.10 14.97
N SER A 55 -17.54 -12.33 15.48
CA SER A 55 -16.90 -12.66 16.76
C SER A 55 -15.39 -12.55 16.61
N GLY A 56 -14.76 -11.94 17.61
CA GLY A 56 -13.33 -11.65 17.56
C GLY A 56 -13.00 -10.21 17.25
N ILE A 57 -13.95 -9.45 16.71
CA ILE A 57 -13.77 -8.02 16.47
C ILE A 57 -14.21 -7.28 17.73
N PRO A 58 -13.43 -6.31 18.22
CA PRO A 58 -13.81 -5.62 19.46
C PRO A 58 -15.18 -4.96 19.38
N GLU A 59 -15.85 -4.91 20.53
CA GLU A 59 -17.22 -4.39 20.60
C GLU A 59 -17.30 -2.91 20.25
N ARG A 60 -16.19 -2.17 20.29
CA ARG A 60 -16.26 -0.75 19.99
C ARG A 60 -16.56 -0.47 18.52
N PHE A 61 -16.38 -1.45 17.64
CA PHE A 61 -16.72 -1.31 16.23
C PHE A 61 -18.19 -1.64 16.03
N SER A 62 -18.91 -0.77 15.32
CA SER A 62 -20.30 -1.03 14.98
C SER A 62 -20.61 -0.38 13.64
N GLY A 63 -21.71 -0.84 13.04
CA GLY A 63 -22.16 -0.29 11.77
C GLY A 63 -23.66 -0.12 11.77
N SER A 64 -24.10 0.92 11.05
CA SER A 64 -25.51 1.23 10.92
C SER A 64 -25.79 1.70 9.50
N SER A 65 -27.08 1.77 9.15
CA SER A 65 -27.50 2.16 7.82
C SER A 65 -28.74 3.05 7.91
N SER A 66 -28.80 4.07 7.05
CA SER A 66 -29.97 4.92 6.92
C SER A 66 -30.60 4.83 5.53
N GLY A 67 -30.23 3.83 4.75
CA GLY A 67 -30.73 3.69 3.39
C GLY A 67 -29.61 3.58 2.38
N THR A 68 -29.35 4.68 1.66
CA THR A 68 -28.25 4.73 0.71
C THR A 68 -26.95 5.20 1.35
N THR A 69 -26.90 5.33 2.67
CA THR A 69 -25.70 5.72 3.39
C THR A 69 -25.52 4.81 4.59
N VAL A 70 -24.33 4.23 4.72
CA VAL A 70 -23.97 3.43 5.87
C VAL A 70 -22.83 4.14 6.61
N THR A 71 -22.70 3.80 7.88
CA THR A 71 -21.72 4.46 8.75
C THR A 71 -20.99 3.43 9.59
N LEU A 72 -19.67 3.51 9.60
CA LEU A 72 -18.84 2.74 10.53
C LEU A 72 -18.53 3.63 11.73
N THR A 73 -18.86 3.15 12.93
CA THR A 73 -18.66 3.90 14.15
C THR A 73 -17.70 3.15 15.07
N ILE A 74 -16.68 3.85 15.55
CA ILE A 74 -15.71 3.31 16.50
C ILE A 74 -15.77 4.18 17.74
N SER A 75 -16.37 3.67 18.81
CA SER A 75 -16.44 4.39 20.07
C SER A 75 -15.19 4.13 20.89
N GLY A 76 -14.70 5.17 21.55
CA GLY A 76 -13.48 5.06 22.33
C GLY A 76 -12.31 4.54 21.51
N VAL A 77 -11.92 5.30 20.47
CA VAL A 77 -10.92 4.83 19.54
C VAL A 77 -9.59 4.62 20.24
N GLN A 78 -8.89 3.55 19.86
CA GLN A 78 -7.56 3.24 20.37
C GLN A 78 -6.53 3.50 19.28
N THR A 79 -5.28 3.63 19.71
CA THR A 79 -4.19 3.85 18.76
C THR A 79 -4.05 2.70 17.79
N GLU A 80 -4.42 1.47 18.20
CA GLU A 80 -4.34 0.33 17.31
C GLU A 80 -5.41 0.36 16.22
N ASP A 81 -6.39 1.27 16.30
CA ASP A 81 -7.44 1.36 15.28
C ASP A 81 -7.04 2.22 14.10
N GLU A 82 -5.87 2.88 14.15
CA GLU A 82 -5.42 3.67 13.02
C GLU A 82 -5.10 2.75 11.84
N ALA A 83 -5.79 2.96 10.73
CA ALA A 83 -5.66 2.13 9.54
C ALA A 83 -6.47 2.76 8.43
N ASP A 84 -6.45 2.13 7.26
CA ASP A 84 -7.33 2.48 6.16
C ASP A 84 -8.59 1.62 6.25
N TYR A 85 -9.74 2.27 6.12
CA TYR A 85 -11.03 1.59 6.19
C TYR A 85 -11.73 1.69 4.84
N TYR A 86 -12.16 0.55 4.32
CA TYR A 86 -12.79 0.46 3.01
C TYR A 86 -14.21 -0.05 3.16
N CYS A 87 -15.16 0.63 2.53
CA CYS A 87 -16.49 0.08 2.36
C CYS A 87 -16.57 -0.66 1.04
N GLN A 88 -17.50 -1.62 0.97
CA GLN A 88 -17.61 -2.50 -0.19
C GLN A 88 -19.04 -2.97 -0.31
N SER A 89 -19.54 -3.03 -1.54
CA SER A 89 -20.92 -3.45 -1.79
C SER A 89 -20.99 -4.03 -3.19
N THR A 90 -22.21 -4.14 -3.73
CA THR A 90 -22.44 -4.61 -5.07
C THR A 90 -23.38 -3.66 -5.78
N ASP A 91 -23.39 -3.72 -7.11
CA ASP A 91 -24.25 -2.87 -7.90
C ASP A 91 -25.69 -3.40 -7.88
N SER A 92 -26.58 -2.69 -8.57
CA SER A 92 -28.01 -3.02 -8.50
C SER A 92 -28.30 -4.42 -9.04
N SER A 93 -27.53 -4.89 -10.01
CA SER A 93 -27.74 -6.23 -10.54
C SER A 93 -27.13 -7.32 -9.68
N GLY A 94 -26.36 -6.96 -8.65
CA GLY A 94 -25.76 -7.96 -7.79
C GLY A 94 -24.72 -8.85 -8.45
N THR A 95 -24.14 -8.41 -9.58
CA THR A 95 -23.13 -9.18 -10.29
C THR A 95 -21.83 -8.43 -10.48
N SER A 96 -21.65 -7.30 -9.78
CA SER A 96 -20.41 -6.55 -9.83
C SER A 96 -20.11 -6.02 -8.44
N TRP A 97 -18.89 -6.24 -7.97
CA TRP A 97 -18.47 -5.83 -6.64
C TRP A 97 -17.62 -4.57 -6.74
N VAL A 98 -17.80 -3.66 -5.78
CA VAL A 98 -17.15 -2.35 -5.82
C VAL A 98 -16.65 -1.99 -4.43
N PHE A 99 -15.46 -1.41 -4.37
CA PHE A 99 -14.89 -0.87 -3.15
C PHE A 99 -14.97 0.65 -3.15
N GLY A 100 -15.17 1.22 -1.98
CA GLY A 100 -15.03 2.65 -1.83
C GLY A 100 -13.58 3.07 -1.95
N GLY A 101 -13.37 4.38 -2.05
CA GLY A 101 -12.03 4.90 -2.22
C GLY A 101 -11.12 4.72 -1.02
N GLY A 102 -11.67 4.33 0.12
CA GLY A 102 -10.86 4.16 1.32
C GLY A 102 -10.79 5.42 2.17
N THR A 103 -10.84 5.24 3.49
CA THR A 103 -10.71 6.34 4.44
C THR A 103 -9.51 6.07 5.34
N LYS A 104 -8.54 6.97 5.32
CA LYS A 104 -7.42 6.88 6.24
C LYS A 104 -7.82 7.49 7.57
N LEU A 105 -7.92 6.65 8.60
CA LEU A 105 -8.25 7.10 9.95
C LEU A 105 -6.96 7.35 10.72
N THR A 106 -6.73 8.61 11.09
CA THR A 106 -5.56 9.00 11.87
C THR A 106 -5.95 9.07 13.34
N VAL A 107 -5.20 8.37 14.18
CA VAL A 107 -5.39 8.41 15.63
C VAL A 107 -4.19 9.14 16.22
N LEU A 108 -4.43 10.34 16.76
CA LEU A 108 -3.37 11.16 17.32
C LEU A 108 -2.92 10.59 18.66
N GLY A 109 -1.94 9.68 18.62
CA GLY A 109 -1.48 8.98 19.80
C GLY A 109 -0.16 9.45 20.39
N GLN A 110 0.36 10.59 19.94
CA GLN A 110 1.57 11.16 20.49
C GLN A 110 1.56 12.66 20.23
N PRO A 111 2.31 13.45 21.00
CA PRO A 111 2.24 14.90 20.83
C PRO A 111 2.78 15.34 19.47
N LYS A 112 2.30 16.49 19.02
CA LYS A 112 2.71 17.05 17.74
C LYS A 112 4.20 17.39 17.76
N ALA A 113 4.90 17.03 16.68
CA ALA A 113 6.33 17.25 16.57
C ALA A 113 6.64 17.95 15.25
N ALA A 114 7.46 19.01 15.32
CA ALA A 114 7.83 19.76 14.14
C ALA A 114 8.93 19.05 13.35
N PRO A 115 8.92 19.17 12.03
CA PRO A 115 9.89 18.44 11.21
C PRO A 115 11.26 19.10 11.18
N SER A 116 12.27 18.26 10.94
CA SER A 116 13.62 18.72 10.66
C SER A 116 13.94 18.43 9.20
N VAL A 117 14.53 19.41 8.52
CA VAL A 117 14.77 19.35 7.08
C VAL A 117 16.26 19.42 6.82
N THR A 118 16.74 18.52 5.97
CA THR A 118 18.12 18.56 5.47
C THR A 118 18.07 18.48 3.95
N LEU A 119 18.64 19.49 3.29
CA LEU A 119 18.65 19.57 1.84
C LEU A 119 20.06 19.29 1.34
N PHE A 120 20.20 18.26 0.48
CA PHE A 120 21.47 17.90 -0.11
C PHE A 120 21.57 18.44 -1.53
N PRO A 121 22.64 19.15 -1.86
CA PRO A 121 22.86 19.55 -3.26
C PRO A 121 23.28 18.34 -4.09
N PRO A 122 23.28 18.46 -5.42
CA PRO A 122 23.78 17.35 -6.24
C PRO A 122 25.26 17.10 -5.94
N SER A 123 25.61 15.81 -5.85
CA SER A 123 27.00 15.46 -5.63
C SER A 123 27.83 15.70 -6.89
N SER A 124 29.12 15.95 -6.69
CA SER A 124 30.02 16.12 -7.84
C SER A 124 30.04 14.88 -8.71
N GLU A 125 29.89 13.70 -8.11
CA GLU A 125 29.90 12.47 -8.89
C GLU A 125 28.69 12.38 -9.82
N GLU A 126 27.51 12.77 -9.33
CA GLU A 126 26.32 12.76 -10.19
C GLU A 126 26.41 13.84 -11.26
N LEU A 127 26.92 15.02 -10.90
CA LEU A 127 27.11 16.08 -11.89
C LEU A 127 28.07 15.62 -12.99
N GLN A 128 29.10 14.84 -12.64
CA GLN A 128 29.98 14.29 -13.66
C GLN A 128 29.25 13.29 -14.54
N ALA A 129 28.20 12.64 -14.01
CA ALA A 129 27.36 11.73 -14.78
C ALA A 129 26.28 12.45 -15.58
N ASN A 130 26.40 13.77 -15.74
CA ASN A 130 25.46 14.59 -16.52
C ASN A 130 24.06 14.56 -15.94
N LYS A 131 23.95 14.44 -14.63
CA LYS A 131 22.67 14.45 -13.92
C LYS A 131 22.77 15.36 -12.71
N ALA A 132 21.62 15.70 -12.15
CA ALA A 132 21.56 16.55 -10.96
C ALA A 132 20.28 16.23 -10.21
N THR A 133 20.42 15.88 -8.94
CA THR A 133 19.27 15.54 -8.11
C THR A 133 19.43 16.19 -6.74
N LEU A 134 18.51 17.07 -6.39
CA LEU A 134 18.46 17.65 -5.05
C LEU A 134 17.60 16.76 -4.17
N VAL A 135 18.13 16.41 -3.00
CA VAL A 135 17.48 15.49 -2.07
C VAL A 135 17.10 16.26 -0.82
N CYS A 136 15.80 16.36 -0.56
CA CYS A 136 15.27 17.04 0.62
C CYS A 136 14.70 15.97 1.56
N LEU A 137 15.35 15.79 2.71
CA LEU A 137 14.98 14.76 3.66
C LEU A 137 14.29 15.40 4.85
N ILE A 138 13.07 14.95 5.14
CA ILE A 138 12.26 15.43 6.24
C ILE A 138 12.17 14.33 7.27
N SER A 139 12.27 14.69 8.55
CA SER A 139 12.36 13.68 9.59
C SER A 139 11.79 14.20 10.90
N ASP A 140 11.38 13.25 11.75
CA ASP A 140 11.00 13.51 13.14
C ASP A 140 9.83 14.48 13.24
N PHE A 141 8.75 14.18 12.52
CA PHE A 141 7.53 14.97 12.60
C PHE A 141 6.33 14.08 12.89
N TYR A 142 5.29 14.69 13.45
CA TYR A 142 4.03 14.02 13.74
C TYR A 142 2.94 15.07 13.81
N PRO A 143 1.77 14.85 13.21
CA PRO A 143 1.34 13.65 12.46
C PRO A 143 2.08 13.46 11.14
N GLY A 144 1.92 12.29 10.53
CA GLY A 144 2.63 11.96 9.31
C GLY A 144 1.99 12.53 8.07
N ALA A 145 1.99 13.86 7.94
CA ALA A 145 1.44 14.52 6.76
C ALA A 145 2.19 15.83 6.56
N VAL A 146 2.81 15.98 5.39
CA VAL A 146 3.55 17.19 5.04
C VAL A 146 3.26 17.55 3.58
N THR A 147 3.52 18.81 3.25
CA THR A 147 3.49 19.29 1.88
C THR A 147 4.82 19.96 1.58
N VAL A 148 5.41 19.63 0.43
CA VAL A 148 6.74 20.10 0.06
C VAL A 148 6.62 21.04 -1.12
N ALA A 149 7.34 22.16 -1.05
CA ALA A 149 7.36 23.16 -2.11
C ALA A 149 8.80 23.48 -2.46
N TRP A 150 9.13 23.42 -3.75
CA TRP A 150 10.46 23.74 -4.24
C TRP A 150 10.47 25.11 -4.88
N LYS A 151 11.60 25.80 -4.77
CA LYS A 151 11.78 27.12 -5.34
C LYS A 151 13.12 27.20 -6.06
N ALA A 152 13.10 27.70 -7.29
CA ALA A 152 14.33 28.10 -7.97
C ALA A 152 14.53 29.59 -7.72
N ASP A 153 15.63 29.92 -7.03
CA ASP A 153 15.86 31.27 -6.53
C ASP A 153 14.71 31.68 -5.60
N SER A 154 13.74 32.44 -6.13
CA SER A 154 12.60 32.88 -5.36
C SER A 154 11.26 32.43 -5.93
N SER A 155 11.24 31.81 -7.11
CA SER A 155 9.99 31.44 -7.76
C SER A 155 9.70 29.95 -7.58
N PRO A 156 8.44 29.59 -7.43
CA PRO A 156 8.09 28.17 -7.26
C PRO A 156 8.38 27.36 -8.52
N VAL A 157 8.71 26.09 -8.30
CA VAL A 157 8.99 25.15 -9.38
C VAL A 157 8.33 23.82 -9.05
N LYS A 158 7.63 23.24 -10.02
CA LYS A 158 6.91 21.98 -9.84
C LYS A 158 7.35 20.88 -10.77
N ALA A 159 8.01 21.20 -11.89
CA ALA A 159 8.43 20.17 -12.83
C ALA A 159 9.59 19.37 -12.29
N GLY A 160 9.54 18.05 -12.47
CA GLY A 160 10.60 17.18 -12.02
C GLY A 160 10.67 16.98 -10.53
N VAL A 161 9.52 17.03 -9.85
CA VAL A 161 9.46 16.86 -8.41
C VAL A 161 8.86 15.49 -8.10
N GLU A 162 9.49 14.77 -7.17
CA GLU A 162 9.01 13.47 -6.71
C GLU A 162 9.11 13.43 -5.20
N THR A 163 7.99 13.16 -4.53
CA THR A 163 7.93 13.16 -3.07
C THR A 163 7.30 11.86 -2.60
N THR A 164 7.90 11.26 -1.57
CA THR A 164 7.39 10.03 -0.99
C THR A 164 6.35 10.34 0.08
N THR A 165 5.45 9.38 0.30
CA THR A 165 4.48 9.54 1.38
C THR A 165 5.15 9.19 2.71
N PRO A 166 4.84 9.93 3.78
CA PRO A 166 5.58 9.74 5.04
C PRO A 166 5.44 8.34 5.58
N SER A 167 6.55 7.80 6.08
CA SER A 167 6.57 6.50 6.73
C SER A 167 7.22 6.63 8.10
N LYS A 168 6.87 5.69 8.98
CA LYS A 168 7.30 5.78 10.36
C LYS A 168 8.78 5.45 10.51
N GLN A 169 9.45 6.24 11.34
CA GLN A 169 10.84 5.96 11.73
C GLN A 169 10.85 4.91 12.84
N SER A 170 12.05 4.64 13.36
CA SER A 170 12.18 3.68 14.46
C SER A 170 11.72 4.26 15.79
N ASN A 171 11.71 5.59 15.93
CA ASN A 171 11.23 6.23 17.13
C ASN A 171 9.75 6.61 17.07
N ASN A 172 8.99 5.95 16.20
CA ASN A 172 7.55 6.15 16.02
C ASN A 172 7.20 7.53 15.49
N LYS A 173 8.19 8.35 15.13
CA LYS A 173 7.94 9.57 14.39
C LYS A 173 8.02 9.30 12.89
N TYR A 174 7.63 10.29 12.10
CA TYR A 174 7.53 10.12 10.65
C TYR A 174 8.65 10.85 9.93
N ALA A 175 8.97 10.33 8.74
CA ALA A 175 9.96 10.92 7.86
C ALA A 175 9.46 10.84 6.43
N ALA A 176 9.94 11.76 5.59
CA ALA A 176 9.59 11.78 4.18
C ALA A 176 10.75 12.34 3.38
N SER A 177 10.75 12.07 2.08
CA SER A 177 11.79 12.53 1.17
C SER A 177 11.17 13.14 -0.07
N SER A 178 11.85 14.13 -0.63
CA SER A 178 11.42 14.79 -1.85
C SER A 178 12.64 15.03 -2.74
N TYR A 179 12.46 14.81 -4.04
CA TYR A 179 13.53 14.92 -5.01
C TYR A 179 13.19 15.98 -6.05
N LEU A 180 14.18 16.78 -6.42
CA LEU A 180 14.07 17.76 -7.51
C LEU A 180 15.13 17.41 -8.55
N SER A 181 14.69 16.93 -9.70
CA SER A 181 15.60 16.57 -10.78
C SER A 181 15.87 17.79 -11.67
N LEU A 182 17.14 17.98 -12.01
CA LEU A 182 17.57 19.11 -12.82
C LEU A 182 18.68 18.65 -13.76
N THR A 183 18.97 19.50 -14.74
CA THR A 183 20.17 19.32 -15.55
C THR A 183 21.34 20.05 -14.89
N PRO A 184 22.58 19.67 -15.22
CA PRO A 184 23.73 20.38 -14.64
C PRO A 184 23.71 21.88 -14.91
N GLU A 185 23.32 22.30 -16.12
CA GLU A 185 23.28 23.72 -16.42
C GLU A 185 22.21 24.44 -15.60
N GLN A 186 21.06 23.78 -15.36
CA GLN A 186 20.03 24.38 -14.52
C GLN A 186 20.53 24.57 -13.10
N TRP A 187 21.34 23.63 -12.60
CA TRP A 187 21.81 23.72 -11.22
C TRP A 187 22.87 24.81 -11.04
N LYS A 188 23.71 25.03 -12.05
CA LYS A 188 24.75 26.04 -11.94
C LYS A 188 24.25 27.44 -12.28
N SER A 189 23.16 27.56 -13.03
CA SER A 189 22.73 28.87 -13.49
C SER A 189 22.07 29.67 -12.38
N HIS A 190 21.15 29.04 -11.64
CA HIS A 190 20.40 29.72 -10.60
C HIS A 190 21.28 30.02 -9.39
N LYS A 191 20.92 31.09 -8.67
CA LYS A 191 21.71 31.50 -7.52
C LYS A 191 21.52 30.54 -6.35
N SER A 192 20.31 29.99 -6.18
CA SER A 192 20.05 29.10 -5.06
C SER A 192 18.77 28.32 -5.33
N TYR A 193 18.62 27.22 -4.60
CA TYR A 193 17.41 26.41 -4.58
C TYR A 193 17.01 26.18 -3.14
N SER A 194 15.71 26.06 -2.90
CA SER A 194 15.19 25.88 -1.55
C SER A 194 14.13 24.78 -1.52
N CYS A 195 14.09 24.07 -0.40
CA CYS A 195 13.05 23.09 -0.12
C CYS A 195 12.22 23.60 1.05
N GLN A 196 10.93 23.81 0.80
CA GLN A 196 10.02 24.35 1.80
C GLN A 196 9.04 23.26 2.23
N VAL A 197 9.01 22.97 3.52
CA VAL A 197 8.16 21.94 4.09
C VAL A 197 7.15 22.61 5.01
N THR A 198 5.87 22.31 4.80
CA THR A 198 4.78 22.83 5.62
C THR A 198 4.20 21.70 6.45
N HIS A 199 4.13 21.91 7.76
CA HIS A 199 3.62 20.88 8.67
C HIS A 199 2.88 21.57 9.80
N GLU A 200 1.56 21.34 9.87
CA GLU A 200 0.73 21.87 10.95
C GLU A 200 0.81 23.40 11.03
N GLY A 201 0.61 24.05 9.87
CA GLY A 201 0.62 25.50 9.81
C GLY A 201 1.98 26.14 10.00
N SER A 202 3.02 25.37 10.26
CA SER A 202 4.37 25.88 10.42
C SER A 202 5.23 25.49 9.21
N THR A 203 6.27 26.27 8.97
CA THR A 203 7.07 26.14 7.76
C THR A 203 8.54 26.01 8.12
N VAL A 204 9.21 25.03 7.54
CA VAL A 204 10.64 24.81 7.70
C VAL A 204 11.28 24.81 6.32
N GLU A 205 12.30 25.64 6.13
CA GLU A 205 12.91 25.84 4.83
C GLU A 205 14.43 25.76 4.92
N LYS A 206 15.03 25.06 3.96
CA LYS A 206 16.48 25.00 3.81
C LYS A 206 16.84 25.42 2.39
N THR A 207 18.06 25.94 2.23
CA THR A 207 18.51 26.49 0.96
C THR A 207 19.93 26.05 0.67
N VAL A 208 20.20 25.73 -0.60
CA VAL A 208 21.54 25.37 -1.05
C VAL A 208 21.86 26.17 -2.30
N ALA A 209 23.14 26.44 -2.50
CA ALA A 209 23.62 27.20 -3.64
C ALA A 209 24.81 26.48 -4.27
N PRO A 210 24.94 26.55 -5.59
CA PRO A 210 26.04 25.83 -6.26
C PRO A 210 27.38 26.51 -6.10
N THR A 211 27.51 27.40 -5.13
CA THR A 211 28.78 28.08 -4.89
C THR A 211 29.21 27.91 -3.44
N VAL B 2 -7.41 -21.60 8.83
CA VAL B 2 -7.86 -21.05 7.57
C VAL B 2 -6.78 -20.17 6.98
N GLN B 3 -6.37 -20.46 5.74
CA GLN B 3 -5.22 -19.79 5.16
C GLN B 3 -5.38 -19.70 3.65
N LEU B 4 -4.94 -18.57 3.09
CA LEU B 4 -4.89 -18.34 1.66
C LEU B 4 -3.52 -17.81 1.29
N VAL B 5 -2.87 -18.45 0.32
CA VAL B 5 -1.51 -18.10 -0.07
C VAL B 5 -1.49 -17.83 -1.57
N GLU B 6 -1.27 -16.58 -1.95
CA GLU B 6 -1.16 -16.21 -3.35
C GLU B 6 0.27 -16.43 -3.84
N SER B 7 0.38 -16.79 -5.12
CA SER B 7 1.68 -16.96 -5.76
C SER B 7 1.54 -16.68 -7.25
N GLY B 8 2.69 -16.63 -7.93
CA GLY B 8 2.73 -16.41 -9.35
C GLY B 8 3.06 -15.00 -9.79
N GLY B 9 3.17 -14.06 -8.86
CA GLY B 9 3.50 -12.70 -9.21
C GLY B 9 4.91 -12.58 -9.77
N GLY B 10 5.14 -11.49 -10.48
CA GLY B 10 6.45 -11.25 -11.07
C GLY B 10 6.45 -10.00 -11.90
N VAL B 11 7.57 -9.79 -12.60
CA VAL B 11 7.75 -8.63 -13.47
C VAL B 11 7.59 -9.09 -14.92
N VAL B 12 6.73 -8.40 -15.67
CA VAL B 12 6.45 -8.74 -17.05
C VAL B 12 6.37 -7.46 -17.88
N GLN B 13 6.52 -7.61 -19.18
CA GLN B 13 6.39 -6.47 -20.08
C GLN B 13 4.95 -6.32 -20.56
N PRO B 14 4.56 -5.12 -20.97
CA PRO B 14 3.18 -4.92 -21.47
C PRO B 14 2.89 -5.84 -22.65
N GLY B 15 1.66 -6.35 -22.68
CA GLY B 15 1.23 -7.28 -23.70
C GLY B 15 1.47 -8.74 -23.38
N ARG B 16 2.32 -9.03 -22.39
CA ARG B 16 2.61 -10.41 -22.03
C ARG B 16 1.49 -10.97 -21.15
N SER B 17 1.65 -12.21 -20.72
CA SER B 17 0.66 -12.92 -19.93
C SER B 17 1.28 -13.38 -18.62
N LEU B 18 0.41 -13.59 -17.62
CA LEU B 18 0.84 -14.03 -16.31
C LEU B 18 -0.31 -14.78 -15.65
N ARG B 19 0.02 -15.85 -14.92
CA ARG B 19 -0.98 -16.70 -14.28
C ARG B 19 -0.72 -16.73 -12.78
N LEU B 20 -1.70 -16.26 -12.01
CA LEU B 20 -1.60 -16.25 -10.56
C LEU B 20 -2.31 -17.46 -9.97
N SER B 21 -1.82 -17.93 -8.83
CA SER B 21 -2.42 -19.04 -8.10
C SER B 21 -2.72 -18.60 -6.67
N CYS B 22 -3.73 -19.22 -6.07
CA CYS B 22 -4.14 -18.95 -4.70
C CYS B 22 -4.55 -20.30 -4.08
N SER B 23 -3.67 -20.85 -3.24
CA SER B 23 -3.91 -22.15 -2.64
C SER B 23 -4.52 -22.00 -1.26
N ALA B 24 -5.64 -22.68 -1.03
CA ALA B 24 -6.39 -22.60 0.21
C ALA B 24 -6.14 -23.83 1.08
N SER B 25 -6.34 -23.64 2.38
CA SER B 25 -6.19 -24.73 3.34
C SER B 25 -6.90 -24.33 4.64
N GLY B 26 -7.43 -25.34 5.33
CA GLY B 26 -8.06 -25.12 6.62
C GLY B 26 -9.56 -24.93 6.58
N PHE B 27 -10.19 -24.97 5.40
CA PHE B 27 -11.62 -24.81 5.31
C PHE B 27 -12.12 -25.51 4.05
N THR B 28 -13.43 -25.77 4.02
CA THR B 28 -14.05 -26.40 2.86
C THR B 28 -14.07 -25.43 1.69
N PHE B 29 -13.02 -25.49 0.86
CA PHE B 29 -12.86 -24.53 -0.24
C PHE B 29 -14.02 -24.59 -1.23
N SER B 30 -14.64 -25.76 -1.39
CA SER B 30 -15.59 -25.99 -2.47
C SER B 30 -16.97 -25.41 -2.22
N VAL B 31 -17.20 -24.73 -1.10
CA VAL B 31 -18.51 -24.13 -0.83
C VAL B 31 -18.43 -22.61 -0.75
N TYR B 32 -17.28 -22.01 -1.05
CA TYR B 32 -17.10 -20.57 -1.00
C TYR B 32 -16.85 -20.02 -2.39
N ALA B 33 -17.44 -18.86 -2.67
CA ALA B 33 -16.98 -18.08 -3.80
C ALA B 33 -15.58 -17.55 -3.53
N MET B 34 -14.84 -17.26 -4.59
CA MET B 34 -13.47 -16.77 -4.45
C MET B 34 -13.29 -15.51 -5.28
N HIS B 35 -12.67 -14.50 -4.68
CA HIS B 35 -12.44 -13.20 -5.29
C HIS B 35 -10.97 -13.01 -5.61
N TRP B 36 -10.72 -12.17 -6.62
CA TRP B 36 -9.43 -11.51 -6.81
C TRP B 36 -9.63 -10.02 -6.58
N VAL B 37 -8.75 -9.43 -5.77
CA VAL B 37 -8.78 -8.00 -5.48
C VAL B 37 -7.34 -7.49 -5.55
N ARG B 38 -7.14 -6.37 -6.24
CA ARG B 38 -5.80 -5.84 -6.44
C ARG B 38 -5.68 -4.45 -5.81
N GLN B 39 -4.44 -4.02 -5.60
CA GLN B 39 -4.16 -2.75 -4.94
C GLN B 39 -2.86 -2.20 -5.51
N ALA B 40 -2.97 -1.12 -6.29
CA ALA B 40 -1.80 -0.47 -6.83
C ALA B 40 -1.04 0.25 -5.71
N PRO B 41 0.29 0.45 -5.87
CA PRO B 41 1.07 1.08 -4.81
C PRO B 41 0.53 2.42 -4.36
N GLY B 42 0.21 2.53 -3.07
CA GLY B 42 -0.33 3.74 -2.51
C GLY B 42 -1.79 4.02 -2.82
N GLN B 43 -2.48 3.09 -3.46
CA GLN B 43 -3.87 3.29 -3.88
C GLN B 43 -4.80 2.37 -3.10
N GLY B 44 -6.10 2.47 -3.41
CA GLY B 44 -7.11 1.70 -2.73
C GLY B 44 -7.31 0.32 -3.33
N LEU B 45 -8.18 -0.45 -2.69
CA LEU B 45 -8.51 -1.78 -3.18
C LEU B 45 -9.42 -1.69 -4.39
N GLU B 46 -9.16 -2.54 -5.39
CA GLU B 46 -9.98 -2.61 -6.60
C GLU B 46 -10.38 -4.05 -6.84
N TRP B 47 -11.69 -4.31 -6.84
CA TRP B 47 -12.20 -5.63 -7.14
C TRP B 47 -11.86 -6.02 -8.58
N VAL B 48 -11.42 -7.26 -8.76
CA VAL B 48 -11.00 -7.77 -10.07
C VAL B 48 -12.02 -8.77 -10.62
N ALA B 49 -12.30 -9.86 -9.88
CA ALA B 49 -13.18 -10.90 -10.39
C ALA B 49 -13.64 -11.78 -9.23
N ILE B 50 -14.70 -12.54 -9.50
CA ILE B 50 -15.25 -13.52 -8.57
C ILE B 50 -15.64 -14.77 -9.36
N ILE B 51 -15.56 -15.92 -8.71
CA ILE B 51 -16.03 -17.19 -9.29
C ILE B 51 -16.86 -17.91 -8.24
N TRP B 52 -17.98 -18.50 -8.67
CA TRP B 52 -18.87 -19.19 -7.78
C TRP B 52 -18.20 -20.44 -7.20
N TYR B 53 -18.82 -20.99 -6.14
CA TYR B 53 -18.25 -22.15 -5.48
C TYR B 53 -18.09 -23.34 -6.44
N ASP B 54 -19.00 -23.47 -7.39
CA ASP B 54 -18.98 -24.58 -8.34
C ASP B 54 -18.33 -24.21 -9.67
N GLY B 55 -17.75 -23.01 -9.77
CA GLY B 55 -17.09 -22.60 -10.99
C GLY B 55 -18.01 -22.11 -12.09
N SER B 56 -19.30 -21.95 -11.81
CA SER B 56 -20.24 -21.52 -12.84
C SER B 56 -20.17 -20.01 -13.07
N ASN B 57 -20.74 -19.23 -12.16
CA ASN B 57 -20.76 -17.78 -12.31
C ASN B 57 -19.35 -17.21 -12.25
N LYS B 58 -19.01 -16.37 -13.23
CA LYS B 58 -17.75 -15.64 -13.25
C LYS B 58 -18.04 -14.21 -13.66
N TYR B 59 -17.67 -13.26 -12.82
CA TYR B 59 -17.90 -11.84 -13.09
C TYR B 59 -16.57 -11.09 -12.97
N TYR B 60 -16.45 -10.03 -13.75
CA TYR B 60 -15.20 -9.30 -13.87
C TYR B 60 -15.45 -7.80 -13.81
N ALA B 61 -14.44 -7.07 -13.34
CA ALA B 61 -14.46 -5.62 -13.43
C ALA B 61 -14.30 -5.19 -14.89
N ASP B 62 -14.90 -4.05 -15.23
CA ASP B 62 -14.81 -3.56 -16.61
C ASP B 62 -13.38 -3.26 -17.01
N SER B 63 -12.51 -2.94 -16.05
CA SER B 63 -11.13 -2.60 -16.36
C SER B 63 -10.32 -3.82 -16.80
N VAL B 64 -10.80 -5.03 -16.56
CA VAL B 64 -10.09 -6.25 -16.93
C VAL B 64 -10.90 -7.15 -17.83
N LYS B 65 -12.10 -6.73 -18.24
CA LYS B 65 -12.96 -7.59 -19.04
C LYS B 65 -12.33 -7.90 -20.38
N GLY B 66 -12.40 -9.16 -20.80
CA GLY B 66 -11.81 -9.61 -22.03
C GLY B 66 -10.35 -9.93 -21.97
N ARG B 67 -9.65 -9.57 -20.88
CA ARG B 67 -8.23 -9.84 -20.73
C ARG B 67 -7.93 -10.83 -19.62
N PHE B 68 -8.65 -10.78 -18.51
CA PHE B 68 -8.42 -11.68 -17.38
C PHE B 68 -9.48 -12.78 -17.36
N THR B 69 -9.06 -13.98 -16.96
CA THR B 69 -9.94 -15.13 -16.84
C THR B 69 -9.72 -15.81 -15.50
N ILE B 70 -10.81 -16.00 -14.75
CA ILE B 70 -10.76 -16.61 -13.42
C ILE B 70 -11.22 -18.06 -13.51
N SER B 71 -10.60 -18.93 -12.71
CA SER B 71 -10.94 -20.34 -12.68
C SER B 71 -10.52 -20.92 -11.34
N ARG B 72 -11.01 -22.13 -11.05
CA ARG B 72 -10.72 -22.77 -9.78
C ARG B 72 -10.62 -24.28 -9.98
N ASP B 73 -9.82 -24.91 -9.10
CA ASP B 73 -9.68 -26.37 -9.08
C ASP B 73 -9.99 -26.83 -7.65
N ASN B 74 -11.22 -27.28 -7.43
CA ASN B 74 -11.63 -27.65 -6.07
C ASN B 74 -10.92 -28.89 -5.57
N SER B 75 -10.50 -29.78 -6.48
CA SER B 75 -9.78 -30.98 -6.04
C SER B 75 -8.43 -30.64 -5.42
N LYS B 76 -7.82 -29.53 -5.84
CA LYS B 76 -6.59 -29.05 -5.25
C LYS B 76 -6.80 -27.82 -4.37
N GLU B 77 -8.05 -27.38 -4.20
CA GLU B 77 -8.39 -26.20 -3.41
C GLU B 77 -7.52 -25.00 -3.81
N THR B 78 -7.54 -24.69 -5.10
CA THR B 78 -6.71 -23.64 -5.66
C THR B 78 -7.53 -22.75 -6.58
N LEU B 79 -7.29 -21.44 -6.49
CA LEU B 79 -7.91 -20.44 -7.34
C LEU B 79 -6.86 -19.90 -8.30
N TYR B 80 -7.27 -19.59 -9.52
CA TYR B 80 -6.36 -19.13 -10.56
C TYR B 80 -6.88 -17.84 -11.19
N LEU B 81 -5.94 -17.03 -11.66
CA LEU B 81 -6.27 -15.83 -12.45
C LEU B 81 -5.34 -15.80 -13.65
N GLN B 82 -5.89 -16.00 -14.84
CA GLN B 82 -5.12 -15.91 -16.08
C GLN B 82 -5.19 -14.48 -16.58
N MET B 83 -4.05 -13.80 -16.60
CA MET B 83 -3.96 -12.39 -16.96
C MET B 83 -3.27 -12.26 -18.32
N ASN B 84 -4.04 -11.88 -19.33
CA ASN B 84 -3.53 -11.69 -20.68
C ASN B 84 -3.57 -10.21 -21.05
N SER B 85 -2.77 -9.85 -22.06
CA SER B 85 -2.71 -8.48 -22.57
C SER B 85 -2.46 -7.48 -21.44
N LEU B 86 -1.46 -7.78 -20.62
CA LEU B 86 -1.19 -6.99 -19.43
C LEU B 86 -0.78 -5.57 -19.79
N ARG B 87 -1.20 -4.63 -18.95
CA ARG B 87 -0.94 -3.21 -19.13
C ARG B 87 -0.21 -2.66 -17.92
N VAL B 88 0.43 -1.50 -18.11
CA VAL B 88 1.15 -0.86 -17.00
C VAL B 88 0.23 -0.62 -15.82
N GLU B 89 -1.02 -0.20 -16.09
CA GLU B 89 -1.96 0.09 -15.01
C GLU B 89 -2.48 -1.17 -14.32
N ASP B 90 -2.05 -2.36 -14.76
CA ASP B 90 -2.34 -3.59 -14.03
C ASP B 90 -1.37 -3.84 -12.89
N THR B 91 -0.32 -3.02 -12.76
CA THR B 91 0.65 -3.18 -11.69
C THR B 91 -0.02 -2.98 -10.34
N ALA B 92 0.06 -4.02 -9.49
CA ALA B 92 -0.60 -3.98 -8.20
C ALA B 92 -0.19 -5.22 -7.41
N VAL B 93 -0.52 -5.21 -6.12
CA VAL B 93 -0.52 -6.42 -5.31
C VAL B 93 -1.87 -7.09 -5.49
N TYR B 94 -1.86 -8.39 -5.76
CA TYR B 94 -3.08 -9.14 -6.06
C TYR B 94 -3.42 -10.06 -4.90
N TYR B 95 -4.58 -9.82 -4.28
CA TYR B 95 -5.09 -10.63 -3.19
C TYR B 95 -6.15 -11.60 -3.71
N CYS B 96 -6.25 -12.75 -3.04
CA CYS B 96 -7.42 -13.60 -3.16
C CYS B 96 -8.17 -13.62 -1.83
N ALA B 97 -9.49 -13.79 -1.91
CA ALA B 97 -10.32 -13.77 -0.72
C ALA B 97 -11.52 -14.67 -0.96
N ARG B 98 -11.91 -15.40 0.09
CA ARG B 98 -13.10 -16.23 0.02
C ARG B 98 -14.34 -15.41 0.35
N ASP B 99 -15.50 -15.92 -0.07
CA ASP B 99 -16.77 -15.25 0.13
C ASP B 99 -17.88 -16.30 0.19
N PRO B 100 -18.55 -16.45 1.34
CA PRO B 100 -19.61 -17.46 1.45
C PRO B 100 -20.87 -17.11 0.67
N ILE B 101 -21.04 -15.85 0.26
CA ILE B 101 -22.20 -15.35 -0.49
C ILE B 101 -23.43 -15.32 0.42
N VAL B 102 -23.67 -16.39 1.17
CA VAL B 102 -24.81 -16.46 2.09
C VAL B 102 -24.32 -16.82 3.48
N GLY B 103 -23.27 -16.16 3.95
CA GLY B 103 -22.75 -16.44 5.26
C GLY B 103 -23.64 -15.93 6.37
N HIS B 104 -23.53 -16.58 7.54
CA HIS B 104 -24.35 -16.26 8.70
C HIS B 104 -23.53 -15.62 9.82
N THR B 105 -22.51 -16.32 10.33
CA THR B 105 -21.64 -15.72 11.35
C THR B 105 -20.58 -14.82 10.74
N ARG B 106 -20.23 -15.06 9.48
CA ARG B 106 -19.33 -14.19 8.72
C ARG B 106 -19.86 -14.11 7.30
N ASP B 107 -19.62 -12.98 6.64
CA ASP B 107 -20.09 -12.79 5.27
C ASP B 107 -19.16 -11.81 4.57
N GLY B 108 -19.31 -11.73 3.25
CA GLY B 108 -18.41 -10.93 2.44
C GLY B 108 -17.07 -11.61 2.26
N LEU B 109 -16.05 -10.78 2.00
CA LEU B 109 -14.68 -11.26 1.82
C LEU B 109 -14.05 -11.39 3.20
N ASP B 110 -14.43 -12.45 3.91
CA ASP B 110 -14.13 -12.57 5.33
C ASP B 110 -12.73 -13.14 5.61
N VAL B 111 -12.06 -13.71 4.61
CA VAL B 111 -10.70 -14.22 4.77
C VAL B 111 -9.89 -13.80 3.56
N TRP B 112 -8.75 -13.15 3.80
CA TRP B 112 -7.88 -12.66 2.75
C TRP B 112 -6.51 -13.34 2.84
N GLY B 113 -5.85 -13.48 1.69
CA GLY B 113 -4.46 -13.86 1.65
C GLY B 113 -3.56 -12.65 1.83
N GLN B 114 -2.26 -12.90 1.81
CA GLN B 114 -1.29 -11.83 1.98
C GLN B 114 -0.91 -11.13 0.68
N GLY B 115 -1.31 -11.70 -0.47
CA GLY B 115 -1.12 -11.05 -1.75
C GLY B 115 0.16 -11.48 -2.45
N THR B 116 0.18 -11.25 -3.76
CA THR B 116 1.36 -11.46 -4.59
C THR B 116 1.54 -10.24 -5.49
N THR B 117 2.79 -9.86 -5.73
CA THR B 117 3.10 -8.60 -6.40
C THR B 117 3.26 -8.82 -7.90
N VAL B 118 2.56 -8.01 -8.69
CA VAL B 118 2.65 -8.04 -10.14
C VAL B 118 3.10 -6.67 -10.62
N THR B 119 4.16 -6.64 -11.42
CA THR B 119 4.70 -5.40 -11.96
C THR B 119 4.75 -5.52 -13.48
N VAL B 120 4.06 -4.62 -14.18
CA VAL B 120 4.04 -4.59 -15.64
C VAL B 120 4.75 -3.32 -16.08
N SER B 121 5.87 -3.48 -16.77
CA SER B 121 6.68 -2.35 -17.20
C SER B 121 7.48 -2.74 -18.43
N SER B 122 7.71 -1.75 -19.30
CA SER B 122 8.55 -1.97 -20.46
C SER B 122 10.03 -1.87 -20.15
N ALA B 123 10.40 -1.52 -18.92
CA ALA B 123 11.80 -1.39 -18.55
C ALA B 123 12.44 -2.77 -18.41
N SER B 124 13.76 -2.79 -18.48
CA SER B 124 14.55 -4.00 -18.31
C SER B 124 15.29 -3.96 -16.98
N THR B 125 15.77 -5.12 -16.56
CA THR B 125 16.51 -5.22 -15.30
C THR B 125 17.79 -4.39 -15.37
N LYS B 126 17.95 -3.48 -14.41
CA LYS B 126 19.10 -2.60 -14.38
C LYS B 126 19.52 -2.35 -12.94
N GLY B 127 20.82 -2.49 -12.69
CA GLY B 127 21.37 -2.16 -11.39
C GLY B 127 21.44 -0.67 -11.17
N PRO B 128 21.56 -0.26 -9.90
CA PRO B 128 21.52 1.17 -9.58
C PRO B 128 22.89 1.82 -9.59
N SER B 129 22.87 3.14 -9.70
CA SER B 129 24.03 3.97 -9.42
C SER B 129 23.88 4.56 -8.03
N VAL B 130 24.96 4.53 -7.26
CA VAL B 130 24.94 4.97 -5.86
C VAL B 130 25.77 6.24 -5.76
N PHE B 131 25.12 7.33 -5.36
CA PHE B 131 25.80 8.59 -5.16
C PHE B 131 25.78 8.97 -3.69
N PRO B 132 26.87 9.53 -3.17
CA PRO B 132 26.90 9.91 -1.75
C PRO B 132 26.10 11.17 -1.48
N LEU B 133 25.54 11.22 -0.28
CA LEU B 133 24.89 12.42 0.25
C LEU B 133 25.79 12.91 1.39
N ALA B 134 26.75 13.76 1.04
CA ALA B 134 27.83 14.10 1.95
C ALA B 134 27.33 15.01 3.08
N PRO B 135 27.79 14.80 4.30
CA PRO B 135 27.42 15.70 5.40
C PRO B 135 28.21 17.00 5.36
N SER B 136 27.59 18.05 5.87
CA SER B 136 28.23 19.37 5.92
C SER B 136 29.43 19.37 6.86
N THR B 140 28.71 20.77 14.72
CA THR B 140 28.80 22.05 15.39
C THR B 140 28.24 21.98 16.81
N SER B 141 29.11 22.15 17.80
CA SER B 141 28.74 22.27 19.21
C SER B 141 27.93 21.06 19.67
N GLY B 142 28.51 19.87 19.49
CA GLY B 142 27.88 18.65 19.95
C GLY B 142 26.61 18.28 19.22
N GLY B 143 26.34 18.88 18.07
CA GLY B 143 25.17 18.58 17.29
C GLY B 143 25.34 17.31 16.48
N THR B 144 24.36 17.08 15.60
CA THR B 144 24.37 15.93 14.72
C THR B 144 24.37 16.38 13.26
N ALA B 145 24.71 15.45 12.38
CA ALA B 145 24.73 15.71 10.95
C ALA B 145 24.16 14.51 10.21
N ALA B 146 23.48 14.80 9.10
CA ALA B 146 22.85 13.77 8.29
C ALA B 146 23.71 13.45 7.08
N LEU B 147 23.88 12.17 6.81
CA LEU B 147 24.60 11.69 5.62
C LEU B 147 23.87 10.46 5.09
N GLY B 148 24.00 10.23 3.79
CA GLY B 148 23.29 9.11 3.21
C GLY B 148 23.80 8.74 1.83
N CYS B 149 23.03 7.89 1.16
CA CYS B 149 23.34 7.41 -0.17
C CYS B 149 22.11 7.50 -1.06
N LEU B 150 22.31 7.97 -2.28
CA LEU B 150 21.25 8.07 -3.28
C LEU B 150 21.36 6.87 -4.21
N VAL B 151 20.41 5.95 -4.09
CA VAL B 151 20.36 4.75 -4.92
C VAL B 151 19.42 5.07 -6.08
N LYS B 152 19.99 5.33 -7.26
CA LYS B 152 19.26 5.94 -8.36
C LYS B 152 19.16 4.99 -9.55
N ASP B 153 17.97 4.99 -10.17
CA ASP B 153 17.74 4.38 -11.49
C ASP B 153 18.00 2.88 -11.49
N TYR B 154 17.20 2.16 -10.70
CA TYR B 154 17.24 0.70 -10.70
C TYR B 154 15.88 0.15 -11.07
N PHE B 155 15.88 -1.10 -11.55
CA PHE B 155 14.67 -1.81 -11.90
C PHE B 155 14.95 -3.30 -11.92
N PRO B 156 14.08 -4.13 -11.35
CA PRO B 156 12.90 -3.68 -10.61
C PRO B 156 13.17 -3.58 -9.11
N GLU B 157 12.13 -3.32 -8.32
CA GLU B 157 12.24 -3.40 -6.88
C GLU B 157 12.47 -4.85 -6.45
N PRO B 158 13.06 -5.07 -5.26
CA PRO B 158 13.50 -4.07 -4.29
C PRO B 158 15.02 -3.90 -4.23
N VAL B 159 15.46 -2.96 -3.41
CA VAL B 159 16.86 -2.78 -3.08
C VAL B 159 16.97 -2.63 -1.57
N THR B 160 18.00 -3.24 -0.99
CA THR B 160 18.23 -3.16 0.45
C THR B 160 19.51 -2.37 0.71
N VAL B 161 19.48 -1.54 1.75
CA VAL B 161 20.62 -0.72 2.13
C VAL B 161 20.93 -0.97 3.60
N SER B 162 22.20 -1.22 3.89
CA SER B 162 22.71 -1.26 5.25
C SER B 162 23.92 -0.35 5.36
N TRP B 163 24.36 -0.12 6.58
CA TRP B 163 25.47 0.79 6.85
C TRP B 163 26.54 0.08 7.67
N ASN B 164 27.79 0.17 7.21
CA ASN B 164 28.93 -0.48 7.84
C ASN B 164 28.67 -1.98 8.04
N SER B 165 28.13 -2.60 6.98
CA SER B 165 27.86 -4.04 6.95
C SER B 165 26.88 -4.47 8.05
N GLY B 166 26.01 -3.55 8.44
CA GLY B 166 25.05 -3.80 9.48
C GLY B 166 25.47 -3.41 10.88
N ALA B 167 26.69 -2.89 11.06
CA ALA B 167 27.12 -2.53 12.41
C ALA B 167 26.49 -1.21 12.86
N LEU B 168 26.14 -0.33 11.92
CA LEU B 168 25.55 0.96 12.23
C LEU B 168 24.05 0.90 11.93
N THR B 169 23.23 1.02 12.98
CA THR B 169 21.78 1.02 12.84
C THR B 169 21.09 2.20 13.47
N SER B 170 21.74 2.95 14.36
CA SER B 170 21.10 4.06 15.04
C SER B 170 20.89 5.23 14.09
N GLY B 171 19.67 5.74 14.04
CA GLY B 171 19.34 6.85 13.17
C GLY B 171 19.28 6.50 11.70
N VAL B 172 19.26 5.22 11.35
CA VAL B 172 19.21 4.80 9.95
C VAL B 172 17.76 4.76 9.49
N HIS B 173 17.49 5.39 8.35
CA HIS B 173 16.16 5.35 7.74
C HIS B 173 16.32 5.18 6.24
N THR B 174 15.77 4.11 5.70
CA THR B 174 15.74 3.87 4.27
C THR B 174 14.34 4.17 3.75
N PHE B 175 14.24 5.17 2.88
CA PHE B 175 12.95 5.66 2.41
C PHE B 175 12.36 4.73 1.36
N PRO B 176 11.05 4.79 1.16
CA PRO B 176 10.44 4.05 0.06
C PRO B 176 10.92 4.58 -1.29
N ALA B 177 10.78 3.73 -2.32
CA ALA B 177 11.28 4.08 -3.63
C ALA B 177 10.33 5.04 -4.34
N VAL B 178 10.86 5.75 -5.33
CA VAL B 178 10.11 6.64 -6.20
C VAL B 178 10.18 6.08 -7.61
N LEU B 179 9.02 5.90 -8.24
CA LEU B 179 8.96 5.46 -9.63
C LEU B 179 8.98 6.70 -10.52
N GLN B 180 10.10 6.92 -11.20
CA GLN B 180 10.26 8.11 -12.03
C GLN B 180 9.56 7.91 -13.38
N SER B 181 9.48 9.01 -14.14
CA SER B 181 8.84 8.96 -15.45
C SER B 181 9.59 8.09 -16.44
N SER B 182 10.87 7.80 -16.17
CA SER B 182 11.66 6.93 -17.03
C SER B 182 11.36 5.44 -16.80
N GLY B 183 10.54 5.11 -15.81
CA GLY B 183 10.27 3.73 -15.48
C GLY B 183 11.26 3.10 -14.52
N LEU B 184 12.22 3.87 -14.02
CA LEU B 184 13.22 3.37 -13.09
C LEU B 184 12.94 3.90 -11.70
N TYR B 185 13.36 3.13 -10.69
CA TYR B 185 13.14 3.48 -9.29
C TYR B 185 14.36 4.17 -8.72
N SER B 186 14.13 4.91 -7.63
CA SER B 186 15.20 5.55 -6.88
C SER B 186 14.73 5.73 -5.44
N LEU B 187 15.67 5.63 -4.50
CA LEU B 187 15.38 5.89 -3.09
C LEU B 187 16.65 6.43 -2.44
N SER B 188 16.52 6.80 -1.17
CA SER B 188 17.65 7.25 -0.37
C SER B 188 17.65 6.56 0.99
N SER B 189 18.84 6.41 1.55
CA SER B 189 19.00 5.88 2.90
C SER B 189 19.88 6.85 3.67
N VAL B 190 19.40 7.34 4.80
CA VAL B 190 20.09 8.37 5.56
C VAL B 190 20.34 7.87 6.97
N VAL B 191 21.45 8.33 7.55
CA VAL B 191 21.80 8.03 8.93
C VAL B 191 22.26 9.32 9.59
N THR B 192 21.83 9.54 10.83
CA THR B 192 22.18 10.73 11.60
C THR B 192 23.26 10.35 12.61
N VAL B 193 24.39 11.04 12.55
CA VAL B 193 25.54 10.70 13.39
C VAL B 193 26.04 11.96 14.08
N PRO B 194 26.77 11.83 15.18
CA PRO B 194 27.36 13.00 15.81
C PRO B 194 28.33 13.71 14.88
N SER B 195 28.31 15.04 14.92
CA SER B 195 29.13 15.84 14.03
C SER B 195 30.62 15.73 14.35
N SER B 196 30.97 15.34 15.58
CA SER B 196 32.37 15.25 15.98
C SER B 196 33.04 13.97 15.50
N SER B 197 32.30 13.06 14.86
CA SER B 197 32.87 11.81 14.36
C SER B 197 33.08 11.83 12.85
N LEU B 198 32.79 12.93 12.17
CA LEU B 198 32.90 12.98 10.73
C LEU B 198 34.35 12.96 10.24
N GLY B 199 35.32 13.18 11.12
CA GLY B 199 36.71 13.17 10.72
C GLY B 199 37.41 11.86 10.98
N THR B 200 36.85 11.05 11.88
CA THR B 200 37.46 9.79 12.29
C THR B 200 36.62 8.58 11.89
N GLN B 201 35.33 8.59 12.18
CA GLN B 201 34.48 7.44 11.88
C GLN B 201 34.25 7.30 10.38
N THR B 202 34.32 6.06 9.90
CA THR B 202 34.08 5.75 8.49
C THR B 202 32.64 5.28 8.32
N TYR B 203 31.96 5.82 7.32
CA TYR B 203 30.57 5.49 7.05
C TYR B 203 30.44 4.97 5.62
N ILE B 204 29.98 3.73 5.48
CA ILE B 204 29.85 3.06 4.19
C ILE B 204 28.45 2.48 4.09
N CYS B 205 27.75 2.81 3.01
CA CYS B 205 26.42 2.26 2.76
C CYS B 205 26.54 1.04 1.86
N ASN B 206 25.84 -0.03 2.23
CA ASN B 206 25.89 -1.29 1.51
C ASN B 206 24.58 -1.45 0.74
N VAL B 207 24.65 -1.34 -0.58
CA VAL B 207 23.49 -1.41 -1.46
C VAL B 207 23.49 -2.77 -2.14
N ASN B 208 22.35 -3.45 -2.10
CA ASN B 208 22.21 -4.77 -2.70
C ASN B 208 20.95 -4.80 -3.55
N HIS B 209 21.12 -5.06 -4.84
CA HIS B 209 20.00 -5.17 -5.79
C HIS B 209 20.02 -6.60 -6.35
N LYS B 210 19.26 -7.48 -5.70
CA LYS B 210 19.24 -8.88 -6.10
C LYS B 210 18.73 -9.12 -7.52
N PRO B 211 17.67 -8.46 -8.01
CA PRO B 211 17.19 -8.77 -9.36
C PRO B 211 18.24 -8.62 -10.45
N SER B 212 19.17 -7.68 -10.32
CA SER B 212 20.25 -7.52 -11.28
C SER B 212 21.56 -8.15 -10.80
N ASN B 213 21.56 -8.76 -9.62
CA ASN B 213 22.76 -9.34 -9.02
C ASN B 213 23.89 -8.30 -8.93
N THR B 214 23.55 -7.14 -8.36
CA THR B 214 24.48 -6.04 -8.19
C THR B 214 24.58 -5.69 -6.71
N LYS B 215 25.82 -5.61 -6.21
CA LYS B 215 26.08 -5.14 -4.86
C LYS B 215 27.08 -4.00 -4.93
N VAL B 216 26.80 -2.91 -4.23
CA VAL B 216 27.64 -1.72 -4.26
C VAL B 216 27.92 -1.28 -2.83
N ASP B 217 29.21 -1.09 -2.52
CA ASP B 217 29.64 -0.47 -1.27
C ASP B 217 30.19 0.91 -1.60
N LYS B 218 29.68 1.93 -0.90
CA LYS B 218 30.03 3.32 -1.18
C LYS B 218 30.34 4.03 0.12
N LYS B 219 31.53 4.61 0.22
CA LYS B 219 31.93 5.38 1.39
C LYS B 219 31.48 6.82 1.23
N VAL B 220 30.91 7.38 2.30
CA VAL B 220 30.37 8.73 2.30
C VAL B 220 31.27 9.62 3.16
N GLU B 221 31.92 10.59 2.51
CA GLU B 221 32.86 11.48 3.16
C GLU B 221 32.38 12.93 3.10
N PRO B 222 32.77 13.75 4.06
CA PRO B 222 32.50 15.19 3.95
C PRO B 222 33.21 15.79 2.73
N LYS B 223 32.61 16.83 2.17
CA LYS B 223 33.12 17.39 0.92
C LYS B 223 34.42 18.16 1.17
N SER B 224 35.15 18.37 0.07
CA SER B 224 36.44 19.08 0.08
C SER B 224 37.42 18.47 1.08
N ASP C 10 -31.45 -26.86 13.51
CA ASP C 10 -30.76 -25.92 12.64
C ASP C 10 -29.26 -26.24 12.59
N PHE C 11 -28.87 -27.07 11.63
CA PHE C 11 -27.48 -27.46 11.48
C PHE C 11 -26.64 -26.30 10.98
N HIS C 12 -25.48 -26.10 11.61
CA HIS C 12 -24.52 -25.10 11.19
C HIS C 12 -23.29 -25.79 10.59
N PHE C 13 -22.74 -25.18 9.54
CA PHE C 13 -21.53 -25.68 8.90
C PHE C 13 -20.62 -24.50 8.60
N GLU C 14 -19.50 -24.40 9.32
CA GLU C 14 -18.54 -23.31 9.20
C GLU C 14 -19.31 -22.00 9.38
N VAL C 15 -19.20 -21.04 8.45
CA VAL C 15 -19.87 -19.75 8.61
C VAL C 15 -21.33 -19.78 8.17
N PHE C 16 -21.82 -20.93 7.72
CA PHE C 16 -23.20 -21.04 7.26
C PHE C 16 -24.10 -21.55 8.38
N ASN C 17 -25.35 -21.10 8.38
CA ASN C 17 -26.37 -21.63 9.26
C ASN C 17 -27.11 -22.81 8.64
N PHE C 18 -26.54 -23.42 7.61
CA PHE C 18 -27.12 -24.58 6.95
C PHE C 18 -25.99 -25.47 6.46
N VAL C 19 -26.35 -26.66 5.99
CA VAL C 19 -25.42 -27.59 5.39
C VAL C 19 -25.57 -27.50 3.87
N PRO C 20 -24.55 -27.12 3.13
CA PRO C 20 -24.67 -27.07 1.67
C PRO C 20 -24.86 -28.46 1.09
N CYS C 21 -25.83 -28.58 0.18
CA CYS C 21 -26.15 -29.88 -0.42
C CYS C 21 -25.00 -30.42 -1.27
N SER C 22 -24.06 -29.56 -1.68
CA SER C 22 -22.96 -29.98 -2.54
C SER C 22 -21.88 -30.77 -1.82
N ILE C 23 -22.04 -31.01 -0.51
CA ILE C 23 -21.08 -31.80 0.26
C ILE C 23 -21.74 -32.99 0.93
N CYS C 24 -23.01 -33.28 0.62
CA CYS C 24 -23.70 -34.40 1.23
C CYS C 24 -23.26 -35.74 0.68
N SER C 25 -22.71 -35.78 -0.54
CA SER C 25 -22.31 -37.01 -1.20
C SER C 25 -23.45 -38.01 -1.30
N ASN C 26 -23.40 -39.07 -0.49
CA ASN C 26 -24.40 -40.14 -0.56
C ASN C 26 -25.10 -40.36 0.78
N ASN C 27 -25.01 -39.40 1.70
CA ASN C 27 -25.66 -39.53 2.99
C ASN C 27 -27.13 -39.11 2.87
N PRO C 28 -28.07 -40.03 3.05
CA PRO C 28 -29.49 -39.66 2.85
C PRO C 28 -29.99 -38.67 3.88
N THR C 29 -29.54 -38.79 5.14
CA THR C 29 -29.97 -37.84 6.16
C THR C 29 -29.45 -36.44 5.88
N CYS C 30 -28.30 -36.33 5.20
CA CYS C 30 -27.77 -35.02 4.83
C CYS C 30 -28.66 -34.34 3.80
N TRP C 31 -29.17 -35.09 2.83
CA TRP C 31 -29.98 -34.51 1.76
C TRP C 31 -31.35 -34.08 2.25
N ALA C 32 -31.80 -34.58 3.41
CA ALA C 32 -33.10 -34.19 3.95
C ALA C 32 -33.04 -32.84 4.67
N ILE C 33 -31.87 -32.43 5.14
CA ILE C 33 -31.72 -31.18 5.88
C ILE C 33 -30.90 -30.13 5.14
N CYS C 34 -30.21 -30.51 4.06
CA CYS C 34 -29.30 -29.59 3.41
C CYS C 34 -30.07 -28.52 2.63
N LYS C 35 -29.37 -27.42 2.34
CA LYS C 35 -29.89 -26.33 1.54
C LYS C 35 -28.87 -25.98 0.47
N ARG C 36 -29.35 -25.47 -0.65
CA ARG C 36 -28.50 -25.19 -1.79
C ARG C 36 -28.01 -23.74 -1.76
N ILE C 37 -26.73 -23.56 -2.02
CA ILE C 37 -26.19 -22.20 -2.18
C ILE C 37 -26.84 -21.57 -3.40
N PRO C 38 -27.43 -20.38 -3.29
CA PRO C 38 -28.17 -19.82 -4.42
C PRO C 38 -27.26 -19.42 -5.57
N ASN C 39 -27.86 -19.33 -6.74
CA ASN C 39 -27.17 -18.90 -7.95
C ASN C 39 -26.88 -17.40 -7.97
N LYS C 40 -27.43 -16.65 -7.01
CA LYS C 40 -27.25 -15.21 -6.98
C LYS C 40 -27.16 -14.75 -5.53
N LYS C 41 -26.35 -13.72 -5.30
CA LYS C 41 -26.20 -13.18 -3.95
C LYS C 41 -27.49 -12.49 -3.54
N PRO C 42 -28.13 -12.90 -2.44
CA PRO C 42 -29.44 -12.34 -2.08
C PRO C 42 -29.31 -10.88 -1.66
N GLY C 43 -30.33 -10.10 -2.02
CA GLY C 43 -30.40 -8.70 -1.65
C GLY C 43 -31.03 -8.50 -0.29
N LYS C 44 -31.34 -7.25 0.01
CA LYS C 44 -31.94 -6.88 1.28
C LYS C 44 -33.46 -6.86 1.17
#